data_8RBL
#
_entry.id   8RBL
#
_cell.length_a   41.235
_cell.length_b   74.334
_cell.length_c   96.704
_cell.angle_alpha   90.000
_cell.angle_beta   90.230
_cell.angle_gamma   90.000
#
_symmetry.space_group_name_H-M   'P 1 21 1'
#
loop_
_entity.id
_entity.type
_entity.pdbx_description
1 polymer 'Mycolic acid methyltransferase MmaA1'
2 non-polymer S-ADENOSYL-L-HOMOCYSTEINE
3 non-polymer 1,2-ETHANEDIOL
4 non-polymer 'SULFATE ION'
5 water water
#
_entity_poly.entity_id   1
_entity_poly.type   'polypeptide(L)'
_entity_poly.pdbx_seq_one_letter_code
;HMAKLRPYYEESQSAYDISDDFFALFLDPTWVYTCAYFERDDMTLEEAQLAKVDLALDKLNLEPGMTLLDVGCGWGGALV
RAVEKYDVNVIGLTLSRNHYERSKDRLAAIGTQRRAEARLQGWEEFEENVDRIVSFEAFDAFKKERYLTFFERSYDILPD
DGRMLLHSLFTYDRRWLHEQGIALTMSDLRFLKFLRESIFPGGELPSEPDIVDNAQAAGFTIEHVQLLQQHYARTLDAWA
ANLQAARERAIAVQSEEVYNNFMHYLTG(CSO)AERFRRGLINVAQFTMTK
;
_entity_poly.pdbx_strand_id   A,B
#
loop_
_chem_comp.id
_chem_comp.type
_chem_comp.name
_chem_comp.formula
EDO non-polymer 1,2-ETHANEDIOL 'C2 H6 O2'
SAH non-polymer S-ADENOSYL-L-HOMOCYSTEINE 'C14 H20 N6 O5 S'
SO4 non-polymer 'SULFATE ION' 'O4 S -2'
#
# COMPACT_ATOMS: atom_id res chain seq x y z
N ASP A 17 2.25 10.61 -19.09
CA ASP A 17 2.27 10.63 -17.63
C ASP A 17 0.91 10.31 -17.03
N ILE A 18 0.63 10.93 -15.88
CA ILE A 18 -0.60 10.67 -15.13
C ILE A 18 -1.60 11.77 -15.44
N SER A 19 -2.83 11.37 -15.74
CA SER A 19 -3.87 12.31 -16.13
C SER A 19 -4.31 13.15 -14.94
N ASP A 20 -4.66 14.42 -15.22
CA ASP A 20 -5.33 15.26 -14.23
C ASP A 20 -6.52 14.53 -13.60
N ASP A 21 -7.24 13.73 -14.40
CA ASP A 21 -8.42 13.03 -13.90
C ASP A 21 -8.08 12.09 -12.76
N PHE A 22 -6.86 11.57 -12.72
CA PHE A 22 -6.41 10.75 -11.59
C PHE A 22 -6.17 11.60 -10.35
N PHE A 23 -5.42 12.68 -10.49
CA PHE A 23 -5.15 13.56 -9.36
C PHE A 23 -6.42 14.19 -8.83
N ALA A 24 -7.38 14.45 -9.72
CA ALA A 24 -8.66 15.01 -9.31
C ALA A 24 -9.35 14.14 -8.28
N LEU A 25 -9.01 12.85 -8.22
CA LEU A 25 -9.68 11.95 -7.30
C LEU A 25 -9.25 12.12 -5.86
N PHE A 26 -8.07 12.68 -5.60
CA PHE A 26 -7.60 12.78 -4.23
C PHE A 26 -7.13 14.17 -3.80
N LEU A 27 -6.96 15.11 -4.72
CA LEU A 27 -6.63 16.47 -4.35
C LEU A 27 -7.91 17.26 -4.05
N ASP A 28 -7.74 18.33 -3.30
CA ASP A 28 -8.82 19.26 -3.00
C ASP A 28 -9.00 20.23 -4.16
N PRO A 29 -10.02 21.08 -4.12
CA PRO A 29 -10.29 21.97 -5.27
C PRO A 29 -9.21 22.99 -5.58
N THR A 30 -8.25 23.24 -4.68
CA THR A 30 -7.13 24.10 -5.05
C THR A 30 -6.16 23.43 -6.00
N TRP A 31 -6.24 22.11 -6.15
CA TRP A 31 -5.26 21.27 -6.83
C TRP A 31 -3.87 21.34 -6.20
N VAL A 32 -3.73 21.91 -5.00
CA VAL A 32 -2.40 21.99 -4.40
C VAL A 32 -1.89 20.58 -4.08
N TYR A 33 -0.64 20.31 -4.44
CA TYR A 33 -0.09 18.97 -4.35
C TYR A 33 1.20 18.99 -3.52
N THR A 34 1.16 19.77 -2.43
CA THR A 34 2.28 19.93 -1.53
C THR A 34 1.73 19.98 -0.11
N CYS A 35 2.64 19.89 0.86
CA CYS A 35 2.27 19.84 2.27
C CYS A 35 1.28 20.94 2.66
N ALA A 36 0.14 20.54 3.24
CA ALA A 36 -0.84 21.50 3.72
C ALA A 36 -0.44 22.00 5.11
N TYR A 37 -1.23 22.92 5.63
CA TYR A 37 -0.96 23.51 6.94
C TYR A 37 -2.26 23.53 7.73
N PHE A 38 -2.40 22.58 8.66
CA PHE A 38 -3.60 22.49 9.48
C PHE A 38 -3.46 23.48 10.63
N GLU A 39 -3.64 24.76 10.28
CA GLU A 39 -3.48 25.85 11.23
C GLU A 39 -4.50 25.74 12.36
N ARG A 40 -5.69 25.26 12.04
CA ARG A 40 -6.64 24.77 13.04
C ARG A 40 -6.81 23.26 12.83
N ASP A 41 -6.91 22.54 13.94
CA ASP A 41 -6.97 21.07 13.85
C ASP A 41 -8.13 20.59 13.01
N ASP A 42 -9.22 21.35 12.93
CA ASP A 42 -10.41 20.89 12.26
C ASP A 42 -10.58 21.43 10.84
N MET A 43 -9.55 22.05 10.25
CA MET A 43 -9.70 22.44 8.85
C MET A 43 -9.82 21.23 7.94
N THR A 44 -10.59 21.42 6.87
CA THR A 44 -10.60 20.48 5.77
C THR A 44 -9.29 20.57 5.00
N LEU A 45 -9.07 19.63 4.10
CA LEU A 45 -7.87 19.66 3.27
C LEU A 45 -7.78 20.95 2.50
N GLU A 46 -8.90 21.41 1.94
CA GLU A 46 -8.87 22.65 1.15
C GLU A 46 -8.53 23.84 2.03
N GLU A 47 -9.13 23.92 3.22
CA GLU A 47 -8.81 25.03 4.12
C GLU A 47 -7.34 24.98 4.53
N ALA A 48 -6.81 23.76 4.73
CA ALA A 48 -5.41 23.63 5.13
C ALA A 48 -4.47 23.98 3.98
N GLN A 49 -4.86 23.70 2.73
CA GLN A 49 -4.00 24.12 1.61
C GLN A 49 -4.01 25.63 1.45
N LEU A 50 -5.19 26.26 1.52
CA LEU A 50 -5.22 27.71 1.50
C LEU A 50 -4.44 28.29 2.67
N ALA A 51 -4.52 27.65 3.84
CA ALA A 51 -3.78 28.13 5.01
C ALA A 51 -2.28 28.05 4.78
N LYS A 52 -1.83 26.99 4.12
CA LYS A 52 -0.41 26.86 3.78
C LYS A 52 0.02 27.94 2.81
N VAL A 53 -0.81 28.20 1.80
CA VAL A 53 -0.47 29.23 0.83
C VAL A 53 -0.41 30.57 1.52
N ASP A 54 -1.41 30.88 2.35
CA ASP A 54 -1.44 32.17 3.06
C ASP A 54 -0.28 32.27 4.05
N LEU A 55 0.06 31.17 4.73
CA LEU A 55 1.20 31.17 5.64
C LEU A 55 2.45 31.65 4.94
N ALA A 56 2.68 31.14 3.74
CA ALA A 56 3.81 31.57 2.93
C ALA A 56 3.64 33.00 2.45
N LEU A 57 2.49 33.32 1.86
CA LEU A 57 2.36 34.64 1.24
C LEU A 57 2.37 35.75 2.27
N ASP A 58 1.84 35.50 3.46
CA ASP A 58 1.92 36.50 4.52
C ASP A 58 3.36 36.88 4.86
N LYS A 59 4.29 35.93 4.69
CA LYS A 59 5.68 36.21 5.02
C LYS A 59 6.36 37.08 3.99
N LEU A 60 5.71 37.34 2.86
CA LEU A 60 6.28 38.13 1.80
C LEU A 60 5.89 39.60 1.87
N ASN A 61 4.99 39.99 2.78
CA ASN A 61 4.55 41.38 2.95
C ASN A 61 4.09 41.97 1.61
N LEU A 62 3.18 41.25 0.97
CA LEU A 62 2.64 41.65 -0.32
C LEU A 62 1.75 42.87 -0.18
N GLU A 63 1.97 43.85 -1.02
CA GLU A 63 1.04 44.94 -1.17
C GLU A 63 0.33 44.84 -2.52
N PRO A 64 -0.92 45.28 -2.61
CA PRO A 64 -1.63 45.20 -3.90
C PRO A 64 -0.81 45.80 -5.03
N GLY A 65 -0.75 45.08 -6.14
CA GLY A 65 -0.04 45.56 -7.29
C GLY A 65 1.43 45.15 -7.36
N MET A 66 2.01 44.62 -6.29
CA MET A 66 3.31 44.04 -6.60
C MET A 66 3.18 42.83 -7.50
N THR A 67 4.33 42.37 -7.97
CA THR A 67 4.39 41.22 -8.86
C THR A 67 5.04 40.07 -8.11
N LEU A 68 4.33 38.94 -8.05
CA LEU A 68 4.76 37.75 -7.34
C LEU A 68 5.10 36.68 -8.37
N LEU A 69 6.29 36.10 -8.26
CA LEU A 69 6.69 34.93 -9.05
C LEU A 69 6.46 33.67 -8.22
N ASP A 70 5.81 32.65 -8.82
CA ASP A 70 5.67 31.31 -8.25
C ASP A 70 6.54 30.36 -9.07
N VAL A 71 7.67 29.95 -8.52
CA VAL A 71 8.57 29.03 -9.22
C VAL A 71 8.06 27.61 -8.98
N GLY A 72 7.58 26.98 -10.05
CA GLY A 72 7.09 25.61 -9.99
C GLY A 72 5.63 25.58 -9.62
N CYS A 73 4.78 26.22 -10.42
CA CYS A 73 3.48 26.65 -9.90
C CYS A 73 2.43 25.53 -9.89
N GLY A 74 2.75 24.34 -10.39
CA GLY A 74 1.74 23.28 -10.36
C GLY A 74 0.49 23.66 -11.12
N TRP A 75 -0.67 23.19 -10.64
CA TRP A 75 -1.94 23.49 -11.28
C TRP A 75 -2.50 24.87 -10.91
N GLY A 76 -1.71 25.74 -10.29
CA GLY A 76 -2.01 27.16 -10.21
C GLY A 76 -2.72 27.65 -8.97
N GLY A 77 -2.90 26.80 -7.96
CA GLY A 77 -3.71 27.17 -6.82
C GLY A 77 -3.13 28.35 -6.04
N ALA A 78 -1.81 28.38 -5.85
CA ALA A 78 -1.20 29.48 -5.10
C ALA A 78 -1.29 30.78 -5.89
N LEU A 79 -1.12 30.70 -7.21
CA LEU A 79 -1.27 31.90 -8.05
C LEU A 79 -2.68 32.45 -7.95
N VAL A 80 -3.69 31.57 -8.02
CA VAL A 80 -5.07 32.01 -7.90
C VAL A 80 -5.31 32.65 -6.55
N ARG A 81 -4.86 31.98 -5.49
CA ARG A 81 -5.00 32.54 -4.14
C ARG A 81 -4.30 33.88 -4.03
N ALA A 82 -3.09 33.99 -4.59
CA ALA A 82 -2.38 35.26 -4.53
C ALA A 82 -3.19 36.38 -5.17
N VAL A 83 -3.81 36.12 -6.33
CA VAL A 83 -4.59 37.17 -6.98
C VAL A 83 -5.83 37.50 -6.16
N GLU A 84 -6.54 36.48 -5.72
CA GLU A 84 -7.83 36.68 -5.07
C GLU A 84 -7.68 37.38 -3.73
N LYS A 85 -6.73 36.92 -2.90
CA LYS A 85 -6.65 37.42 -1.54
C LYS A 85 -5.68 38.60 -1.41
N TYR A 86 -4.60 38.60 -2.20
CA TYR A 86 -3.55 39.58 -2.03
C TYR A 86 -3.53 40.63 -3.14
N ASP A 87 -4.30 40.43 -4.20
CA ASP A 87 -4.46 41.43 -5.26
C ASP A 87 -3.10 41.83 -5.84
N VAL A 88 -2.28 40.83 -6.13
CA VAL A 88 -0.98 41.04 -6.75
C VAL A 88 -1.02 40.57 -8.20
N ASN A 89 -0.14 41.16 -9.00
CA ASN A 89 0.20 40.58 -10.29
C ASN A 89 1.00 39.30 -10.09
N VAL A 90 0.79 38.30 -10.95
CA VAL A 90 1.43 37.00 -10.71
C VAL A 90 2.01 36.46 -11.99
N ILE A 91 3.14 35.77 -11.85
CA ILE A 91 3.78 35.01 -12.92
C ILE A 91 4.07 33.63 -12.35
N GLY A 92 3.59 32.59 -13.01
CA GLY A 92 3.88 31.24 -12.55
C GLY A 92 4.70 30.51 -13.60
N LEU A 93 5.73 29.81 -13.17
CA LEU A 93 6.58 28.99 -14.03
C LEU A 93 6.38 27.52 -13.69
N THR A 94 6.33 26.69 -14.74
CA THR A 94 6.28 25.26 -14.53
C THR A 94 6.90 24.59 -15.74
N LEU A 95 7.39 23.37 -15.54
CA LEU A 95 7.89 22.55 -16.64
C LEU A 95 6.88 21.51 -17.10
N SER A 96 5.73 21.42 -16.43
CA SER A 96 4.71 20.43 -16.77
C SER A 96 3.64 21.07 -17.65
N ARG A 97 3.36 20.45 -18.80
CA ARG A 97 2.35 21.03 -19.67
C ARG A 97 0.96 20.96 -19.01
N ASN A 98 0.66 19.86 -18.33
CA ASN A 98 -0.63 19.76 -17.65
C ASN A 98 -0.77 20.82 -16.57
N HIS A 99 0.30 21.04 -15.81
CA HIS A 99 0.29 22.10 -14.81
C HIS A 99 0.09 23.47 -15.46
N TYR A 100 0.83 23.73 -16.54
CA TYR A 100 0.70 24.98 -17.25
C TYR A 100 -0.72 25.20 -17.77
N GLU A 101 -1.30 24.18 -18.41
CA GLU A 101 -2.61 24.36 -19.02
C GLU A 101 -3.67 24.71 -17.98
N ARG A 102 -3.66 24.02 -16.85
CA ARG A 102 -4.68 24.29 -15.84
C ARG A 102 -4.43 25.62 -15.17
N SER A 103 -3.17 25.95 -14.88
CA SER A 103 -2.83 27.26 -14.35
C SER A 103 -3.28 28.37 -15.29
N LYS A 104 -2.99 28.21 -16.59
CA LYS A 104 -3.40 29.18 -17.59
C LYS A 104 -4.91 29.38 -17.58
N ASP A 105 -5.66 28.26 -17.63
CA ASP A 105 -7.12 28.35 -17.66
C ASP A 105 -7.64 28.98 -16.38
N ARG A 106 -7.14 28.54 -15.23
CA ARG A 106 -7.66 29.05 -13.96
C ARG A 106 -7.38 30.54 -13.81
N LEU A 107 -6.19 30.98 -14.22
CA LEU A 107 -5.86 32.40 -14.07
C LEU A 107 -6.68 33.25 -15.02
N ALA A 108 -6.96 32.76 -16.23
CA ALA A 108 -7.76 33.51 -17.17
C ALA A 108 -9.22 33.62 -16.73
N ALA A 109 -9.67 32.68 -15.89
CA ALA A 109 -11.04 32.70 -15.40
C ALA A 109 -11.21 33.59 -14.17
N ILE A 110 -10.12 34.01 -13.52
CA ILE A 110 -10.22 35.02 -12.48
C ILE A 110 -10.57 36.36 -13.12
N GLY A 111 -11.56 37.03 -12.56
CA GLY A 111 -11.76 38.42 -12.89
C GLY A 111 -10.73 39.25 -12.14
N THR A 112 -9.72 39.74 -12.86
CA THR A 112 -8.79 40.65 -12.22
C THR A 112 -8.30 41.62 -13.28
N GLN A 113 -8.05 42.85 -12.87
CA GLN A 113 -7.34 43.79 -13.73
C GLN A 113 -5.83 43.63 -13.65
N ARG A 114 -5.33 42.79 -12.74
CA ARG A 114 -3.92 42.53 -12.62
C ARG A 114 -3.44 41.62 -13.74
N ARG A 115 -2.13 41.58 -13.89
CA ARG A 115 -1.56 40.64 -14.84
C ARG A 115 -1.41 39.30 -14.14
N ALA A 116 -1.84 38.23 -14.81
CA ALA A 116 -1.84 36.91 -14.20
C ALA A 116 -1.46 35.93 -15.30
N GLU A 117 -0.24 35.44 -15.26
CA GLU A 117 0.16 34.60 -16.38
C GLU A 117 0.86 33.36 -15.87
N ALA A 118 0.60 32.27 -16.55
CA ALA A 118 1.31 31.03 -16.34
C ALA A 118 2.21 30.79 -17.54
N ARG A 119 3.35 30.18 -17.30
CA ARG A 119 4.29 29.95 -18.39
C ARG A 119 4.88 28.55 -18.33
N LEU A 120 5.02 27.92 -19.49
CA LEU A 120 5.78 26.67 -19.62
C LEU A 120 7.23 27.07 -19.84
N GLN A 121 7.94 27.25 -18.73
CA GLN A 121 9.25 27.88 -18.71
C GLN A 121 9.94 27.54 -17.41
N GLY A 122 11.21 27.24 -17.49
CA GLY A 122 11.99 27.00 -16.29
C GLY A 122 12.49 28.29 -15.68
N TRP A 123 12.75 28.25 -14.37
CA TRP A 123 13.34 29.44 -13.74
C TRP A 123 14.68 29.79 -14.36
N GLU A 124 15.36 28.81 -14.95
CA GLU A 124 16.65 29.03 -15.56
C GLU A 124 16.56 30.00 -16.73
N GLU A 125 15.40 30.06 -17.38
CA GLU A 125 15.20 30.94 -18.52
C GLU A 125 14.52 32.25 -18.15
N PHE A 126 14.16 32.44 -16.88
CA PHE A 126 13.39 33.58 -16.44
C PHE A 126 14.33 34.64 -15.89
N GLU A 127 14.26 35.86 -16.44
CA GLU A 127 15.16 36.91 -16.00
C GLU A 127 14.45 38.24 -15.74
N GLU A 128 13.12 38.26 -15.68
CA GLU A 128 12.40 39.49 -15.38
C GLU A 128 12.44 39.82 -13.90
N ASN A 129 12.47 41.12 -13.62
CA ASN A 129 12.38 41.59 -12.25
C ASN A 129 10.99 41.33 -11.68
N VAL A 130 10.96 40.90 -10.43
CA VAL A 130 9.72 40.66 -9.70
C VAL A 130 9.93 41.19 -8.29
N ASP A 131 8.82 41.45 -7.58
CA ASP A 131 8.95 42.01 -6.24
C ASP A 131 9.19 40.95 -5.17
N ARG A 132 8.61 39.77 -5.35
CA ARG A 132 8.67 38.71 -4.34
C ARG A 132 8.61 37.38 -5.07
N ILE A 133 9.15 36.34 -4.44
CA ILE A 133 9.16 35.00 -5.01
C ILE A 133 8.61 34.02 -3.98
N VAL A 134 7.77 33.09 -4.43
CA VAL A 134 7.34 31.97 -3.62
C VAL A 134 7.59 30.69 -4.41
N SER A 135 7.82 29.59 -3.70
CA SER A 135 8.03 28.31 -4.40
C SER A 135 7.66 27.20 -3.43
N PHE A 136 6.74 26.31 -3.85
CA PHE A 136 6.30 25.21 -2.98
C PHE A 136 6.74 23.89 -3.60
N GLU A 137 7.76 23.25 -3.01
CA GLU A 137 8.25 21.91 -3.38
C GLU A 137 8.54 21.80 -4.88
N ALA A 138 9.17 22.84 -5.41
CA ALA A 138 9.87 22.72 -6.69
C ALA A 138 11.35 22.47 -6.51
N PHE A 139 11.95 23.00 -5.45
CA PHE A 139 13.40 22.96 -5.28
C PHE A 139 13.96 21.54 -5.34
N ASP A 140 13.23 20.55 -4.83
CA ASP A 140 13.71 19.17 -4.88
C ASP A 140 13.77 18.61 -6.32
N ALA A 141 13.07 19.22 -7.27
CA ALA A 141 13.19 18.78 -8.65
C ALA A 141 14.38 19.40 -9.35
N PHE A 142 15.07 20.35 -8.72
CA PHE A 142 16.24 20.94 -9.35
C PHE A 142 17.43 20.01 -9.18
N LYS A 143 18.32 20.00 -10.18
CA LYS A 143 19.57 19.27 -9.97
C LYS A 143 20.42 19.99 -8.94
N LYS A 144 21.16 19.22 -8.13
CA LYS A 144 22.04 19.80 -7.12
C LYS A 144 23.05 20.76 -7.74
N GLU A 145 23.44 20.53 -8.98
CA GLU A 145 24.34 21.43 -9.69
C GLU A 145 23.72 22.80 -9.97
N ARG A 146 22.40 22.95 -9.74
CA ARG A 146 21.71 24.21 -9.94
C ARG A 146 21.27 24.88 -8.65
N TYR A 147 21.57 24.31 -7.48
CA TYR A 147 21.08 24.89 -6.23
C TYR A 147 21.56 26.33 -6.05
N LEU A 148 22.87 26.54 -6.13
CA LEU A 148 23.42 27.89 -6.00
C LEU A 148 22.90 28.79 -7.10
N THR A 149 22.92 28.30 -8.35
CA THR A 149 22.44 29.08 -9.48
C THR A 149 21.02 29.58 -9.24
N PHE A 150 20.15 28.72 -8.68
CA PHE A 150 18.78 29.13 -8.39
C PHE A 150 18.75 30.30 -7.44
N PHE A 151 19.54 30.24 -6.37
CA PHE A 151 19.50 31.33 -5.40
C PHE A 151 20.13 32.59 -5.97
N GLU A 152 21.15 32.43 -6.80
CA GLU A 152 21.76 33.59 -7.44
C GLU A 152 20.76 34.29 -8.35
N ARG A 153 20.04 33.50 -9.15
CA ARG A 153 19.02 34.06 -10.04
C ARG A 153 17.90 34.71 -9.24
N SER A 154 17.44 34.03 -8.20
CA SER A 154 16.39 34.58 -7.36
C SER A 154 16.83 35.91 -6.74
N TYR A 155 18.05 35.96 -6.22
CA TYR A 155 18.58 37.19 -5.65
C TYR A 155 18.62 38.29 -6.70
N ASP A 156 19.01 37.95 -7.92
CA ASP A 156 19.21 38.96 -8.97
C ASP A 156 17.90 39.59 -9.41
N ILE A 157 16.80 38.82 -9.44
CA ILE A 157 15.56 39.36 -9.98
C ILE A 157 14.72 40.06 -8.93
N LEU A 158 15.10 39.98 -7.66
CA LEU A 158 14.41 40.65 -6.58
C LEU A 158 14.95 42.06 -6.40
N PRO A 159 14.11 42.97 -5.88
CA PRO A 159 14.58 44.32 -5.54
C PRO A 159 15.42 44.32 -4.27
N ASP A 160 15.96 45.48 -3.90
CA ASP A 160 16.87 45.54 -2.75
C ASP A 160 16.23 45.05 -1.45
N ASP A 161 14.91 45.21 -1.31
CA ASP A 161 14.19 44.73 -0.13
C ASP A 161 13.31 43.53 -0.47
N GLY A 162 13.65 42.81 -1.52
CA GLY A 162 12.86 41.67 -1.91
C GLY A 162 12.90 40.56 -0.89
N ARG A 163 11.96 39.63 -1.04
CA ARG A 163 11.86 38.49 -0.15
C ARG A 163 11.45 37.28 -0.96
N MET A 164 11.93 36.13 -0.55
CA MET A 164 11.57 34.85 -1.14
C MET A 164 11.11 33.92 -0.05
N LEU A 165 9.98 33.24 -0.26
CA LEU A 165 9.55 32.19 0.66
C LEU A 165 9.80 30.88 -0.07
N LEU A 166 10.79 30.14 0.37
CA LEU A 166 11.11 28.85 -0.22
C LEU A 166 10.51 27.76 0.66
N HIS A 167 9.51 27.05 0.14
CA HIS A 167 8.91 25.92 0.83
C HIS A 167 9.47 24.67 0.17
N SER A 168 10.23 23.88 0.92
CA SER A 168 10.96 22.76 0.32
C SER A 168 11.04 21.57 1.26
N LEU A 169 10.98 20.38 0.68
CA LEU A 169 11.40 19.17 1.37
C LEU A 169 12.89 19.20 1.60
N PHE A 170 13.33 18.43 2.59
CA PHE A 170 14.75 18.14 2.70
C PHE A 170 14.93 16.87 3.53
N THR A 171 16.13 16.32 3.45
CA THR A 171 16.44 15.03 4.04
C THR A 171 17.50 15.19 5.11
N TYR A 172 17.73 14.08 5.83
CA TYR A 172 18.74 13.98 6.88
C TYR A 172 19.69 12.83 6.57
N ASP A 173 20.96 12.99 6.92
CA ASP A 173 21.88 11.88 6.71
C ASP A 173 21.88 10.96 7.94
N ARG A 174 22.58 9.82 7.81
CA ARG A 174 22.56 8.80 8.85
C ARG A 174 23.01 9.37 10.19
N ARG A 175 24.08 10.15 10.18
CA ARG A 175 24.63 10.69 11.43
C ARG A 175 23.61 11.56 12.15
N TRP A 176 22.95 12.46 11.42
CA TRP A 176 21.96 13.32 12.07
C TRP A 176 20.77 12.52 12.55
N LEU A 177 20.25 11.65 11.68
CA LEU A 177 19.17 10.76 12.08
C LEU A 177 19.48 10.06 13.41
N HIS A 178 20.67 9.48 13.51
CA HIS A 178 21.01 8.70 14.70
C HIS A 178 21.00 9.57 15.96
N GLU A 179 21.61 10.76 15.88
CA GLU A 179 21.61 11.64 17.04
C GLU A 179 20.20 12.03 17.45
N GLN A 180 19.25 11.99 16.53
CA GLN A 180 17.85 12.19 16.86
C GLN A 180 17.11 10.90 17.20
N GLY A 181 17.83 9.79 17.32
CA GLY A 181 17.20 8.53 17.70
C GLY A 181 16.54 7.77 16.57
N ILE A 182 16.88 8.08 15.33
CA ILE A 182 16.16 7.56 14.17
C ILE A 182 17.15 6.78 13.31
N ALA A 183 16.70 5.66 12.74
CA ALA A 183 17.54 4.81 11.90
C ALA A 183 16.86 4.62 10.55
N LEU A 184 17.67 4.57 9.49
CA LEU A 184 17.20 4.18 8.17
C LEU A 184 17.20 2.66 8.05
N THR A 185 16.03 2.07 7.81
CA THR A 185 15.93 0.63 7.76
C THR A 185 16.15 0.13 6.35
N MET A 186 16.26 -1.20 6.23
CA MET A 186 16.36 -1.80 4.90
C MET A 186 15.13 -1.46 4.08
N SER A 187 13.95 -1.50 4.71
CA SER A 187 12.71 -1.07 4.09
C SER A 187 12.82 0.36 3.56
N ASP A 188 13.35 1.27 4.38
CA ASP A 188 13.46 2.65 3.93
C ASP A 188 14.33 2.76 2.69
N LEU A 189 15.41 1.95 2.62
CA LEU A 189 16.26 1.96 1.44
C LEU A 189 15.48 1.50 0.22
N ARG A 190 14.71 0.42 0.35
CA ARG A 190 13.90 -0.05 -0.78
C ARG A 190 12.86 0.99 -1.17
N PHE A 191 12.31 1.69 -0.18
CA PHE A 191 11.31 2.72 -0.49
C PHE A 191 11.93 3.87 -1.27
N LEU A 192 13.13 4.30 -0.86
CA LEU A 192 13.85 5.34 -1.58
C LEU A 192 14.10 4.91 -3.02
N LYS A 193 14.51 3.65 -3.22
CA LYS A 193 14.71 3.15 -4.57
C LYS A 193 13.39 3.12 -5.35
N PHE A 194 12.30 2.73 -4.68
CA PHE A 194 10.98 2.78 -5.31
C PHE A 194 10.62 4.19 -5.75
N LEU A 195 10.92 5.18 -4.91
CA LEU A 195 10.67 6.57 -5.27
C LEU A 195 11.51 6.97 -6.48
N ARG A 196 12.77 6.55 -6.52
CA ARG A 196 13.63 6.92 -7.64
C ARG A 196 13.24 6.17 -8.91
N GLU A 197 12.81 4.91 -8.78
CA GLU A 197 12.54 4.10 -9.96
C GLU A 197 11.21 4.47 -10.62
N SER A 198 10.25 4.99 -9.87
CA SER A 198 8.98 5.38 -10.43
CA SER A 198 8.96 5.38 -10.44
C SER A 198 8.96 6.89 -10.69
N ILE A 199 7.76 7.47 -10.77
CA ILE A 199 7.56 8.85 -11.17
C ILE A 199 7.25 9.76 -9.99
N PHE A 200 7.84 9.47 -8.83
CA PHE A 200 7.44 10.19 -7.62
C PHE A 200 8.55 11.06 -7.07
N PRO A 201 8.19 12.15 -6.40
CA PRO A 201 9.20 12.98 -5.74
C PRO A 201 9.71 12.32 -4.47
N GLY A 202 10.90 12.74 -4.05
CA GLY A 202 11.49 12.29 -2.81
C GLY A 202 12.70 11.39 -2.94
N GLY A 203 13.11 11.04 -4.16
CA GLY A 203 14.23 10.14 -4.32
C GLY A 203 15.58 10.83 -4.31
N GLU A 204 15.60 12.14 -4.58
CA GLU A 204 16.83 12.91 -4.70
C GLU A 204 16.67 14.25 -3.96
N LEU A 205 16.39 14.16 -2.66
CA LEU A 205 16.06 15.37 -1.92
C LEU A 205 17.32 16.12 -1.49
N PRO A 206 17.24 17.45 -1.39
CA PRO A 206 18.34 18.22 -0.83
C PRO A 206 18.46 18.02 0.67
N SER A 207 19.66 18.27 1.19
CA SER A 207 19.83 18.43 2.62
C SER A 207 19.42 19.84 3.02
N GLU A 208 19.24 20.05 4.33
CA GLU A 208 19.03 21.42 4.80
C GLU A 208 20.22 22.32 4.46
N PRO A 209 21.49 21.90 4.63
CA PRO A 209 22.60 22.77 4.17
C PRO A 209 22.53 23.09 2.68
N ASP A 210 22.09 22.17 1.85
CA ASP A 210 21.94 22.44 0.42
C ASP A 210 21.07 23.67 0.20
N ILE A 211 20.05 23.84 1.02
CA ILE A 211 19.17 25.01 0.94
C ILE A 211 19.83 26.21 1.57
N VAL A 212 20.25 26.05 2.84
CA VAL A 212 20.66 27.20 3.65
C VAL A 212 22.01 27.73 3.18
N ASP A 213 22.98 26.84 2.95
CA ASP A 213 24.33 27.32 2.63
C ASP A 213 24.34 28.00 1.27
N ASN A 214 23.62 27.43 0.30
CA ASN A 214 23.60 28.03 -1.04
C ASN A 214 22.81 29.33 -1.04
N ALA A 215 21.71 29.38 -0.29
CA ALA A 215 20.96 30.64 -0.19
C ALA A 215 21.80 31.74 0.43
N GLN A 216 22.57 31.42 1.48
CA GLN A 216 23.39 32.44 2.12
C GLN A 216 24.55 32.87 1.23
N ALA A 217 25.15 31.91 0.50
CA ALA A 217 26.23 32.27 -0.39
C ALA A 217 25.77 33.24 -1.47
N ALA A 218 24.51 33.13 -1.88
CA ALA A 218 23.94 34.05 -2.87
C ALA A 218 23.57 35.39 -2.28
N GLY A 219 23.60 35.54 -0.96
CA GLY A 219 23.37 36.82 -0.32
C GLY A 219 22.11 36.89 0.53
N PHE A 220 21.33 35.82 0.58
CA PHE A 220 20.09 35.84 1.35
C PHE A 220 20.36 35.65 2.83
N THR A 221 19.50 36.25 3.64
CA THR A 221 19.41 35.98 5.06
C THR A 221 18.24 35.04 5.31
N ILE A 222 18.47 34.00 6.12
CA ILE A 222 17.40 33.10 6.51
C ILE A 222 16.77 33.70 7.74
N GLU A 223 15.65 34.39 7.54
CA GLU A 223 14.97 35.09 8.62
C GLU A 223 14.18 34.14 9.52
N HIS A 224 13.62 33.09 8.95
CA HIS A 224 12.77 32.19 9.71
C HIS A 224 12.74 30.85 9.00
N VAL A 225 12.73 29.77 9.77
CA VAL A 225 12.48 28.42 9.24
C VAL A 225 11.30 27.86 10.02
N GLN A 226 10.25 27.49 9.30
CA GLN A 226 9.08 26.89 9.91
C GLN A 226 8.98 25.45 9.42
N LEU A 227 9.17 24.50 10.33
CA LEU A 227 9.07 23.09 9.97
C LEU A 227 7.61 22.64 9.97
N LEU A 228 7.24 21.81 8.99
CA LEU A 228 5.87 21.37 8.82
C LEU A 228 5.77 19.84 8.74
N GLN A 229 6.76 19.15 9.31
CA GLN A 229 6.91 17.70 9.18
C GLN A 229 5.60 16.95 9.43
N GLN A 230 4.94 17.21 10.56
CA GLN A 230 3.74 16.43 10.89
C GLN A 230 2.53 16.87 10.09
N HIS A 231 2.54 18.10 9.58
CA HIS A 231 1.49 18.50 8.67
C HIS A 231 1.56 17.70 7.38
N TYR A 232 2.76 17.36 6.93
CA TYR A 232 2.86 16.57 5.71
C TYR A 232 2.37 15.16 5.95
N ALA A 233 2.71 14.58 7.10
CA ALA A 233 2.13 13.27 7.43
C ALA A 233 0.62 13.29 7.33
N ARG A 234 -0.02 14.30 7.93
CA ARG A 234 -1.48 14.40 7.85
C ARG A 234 -1.96 14.64 6.42
N THR A 235 -1.24 15.46 5.65
CA THR A 235 -1.64 15.70 4.27
C THR A 235 -1.62 14.42 3.46
N LEU A 236 -0.53 13.68 3.58
CA LEU A 236 -0.38 12.42 2.83
C LEU A 236 -1.43 11.41 3.25
N ASP A 237 -1.74 11.34 4.55
CA ASP A 237 -2.82 10.45 5.01
C ASP A 237 -4.12 10.79 4.31
N ALA A 238 -4.42 12.09 4.17
CA ALA A 238 -5.68 12.51 3.57
C ALA A 238 -5.71 12.17 2.09
N TRP A 239 -4.60 12.42 1.38
CA TRP A 239 -4.55 12.04 -0.03
C TRP A 239 -4.79 10.54 -0.20
N ALA A 240 -4.14 9.73 0.62
CA ALA A 240 -4.31 8.28 0.54
C ALA A 240 -5.74 7.87 0.85
N ALA A 241 -6.33 8.47 1.89
CA ALA A 241 -7.71 8.13 2.23
C ALA A 241 -8.65 8.48 1.08
N ASN A 242 -8.40 9.62 0.44
CA ASN A 242 -9.22 10.03 -0.69
C ASN A 242 -9.04 9.08 -1.85
N LEU A 243 -7.79 8.71 -2.13
CA LEU A 243 -7.53 7.84 -3.27
C LEU A 243 -8.18 6.47 -3.09
N GLN A 244 -8.01 5.89 -1.90
CA GLN A 244 -8.66 4.60 -1.59
C GLN A 244 -10.16 4.67 -1.78
N ALA A 245 -10.79 5.77 -1.31
CA ALA A 245 -12.25 5.90 -1.42
C ALA A 245 -12.69 5.93 -2.87
N ALA A 246 -11.79 6.34 -3.79
CA ALA A 246 -12.06 6.43 -5.22
C ALA A 246 -11.30 5.39 -6.02
N ARG A 247 -11.05 4.23 -5.42
CA ARG A 247 -10.13 3.26 -6.01
C ARG A 247 -10.60 2.81 -7.39
N GLU A 248 -11.89 2.51 -7.52
CA GLU A 248 -12.41 2.02 -8.80
C GLU A 248 -12.21 3.06 -9.88
N ARG A 249 -12.50 4.32 -9.56
CA ARG A 249 -12.35 5.37 -10.54
CA ARG A 249 -12.34 5.41 -10.50
C ARG A 249 -10.88 5.58 -10.90
N ALA A 250 -9.99 5.47 -9.91
CA ALA A 250 -8.55 5.63 -10.17
C ALA A 250 -8.03 4.52 -11.07
N ILE A 251 -8.49 3.30 -10.83
CA ILE A 251 -8.08 2.19 -11.69
C ILE A 251 -8.60 2.39 -13.10
N ALA A 252 -9.84 2.88 -13.23
CA ALA A 252 -10.40 3.11 -14.55
C ALA A 252 -9.63 4.19 -15.30
N VAL A 253 -9.24 5.27 -14.61
CA VAL A 253 -8.50 6.35 -15.26
C VAL A 253 -7.08 5.92 -15.60
N GLN A 254 -6.44 5.15 -14.73
CA GLN A 254 -5.07 4.72 -14.98
C GLN A 254 -5.08 3.20 -14.99
N SER A 255 -4.74 2.56 -13.88
CA SER A 255 -4.64 1.10 -13.84
C SER A 255 -4.46 0.72 -12.37
N GLU A 256 -4.66 -0.57 -12.08
CA GLU A 256 -4.45 -1.02 -10.71
C GLU A 256 -2.99 -0.86 -10.31
N GLU A 257 -2.07 -1.13 -11.24
CA GLU A 257 -0.65 -0.93 -10.97
C GLU A 257 -0.36 0.50 -10.55
N VAL A 258 -0.88 1.47 -11.29
CA VAL A 258 -0.63 2.86 -10.94
C VAL A 258 -1.29 3.20 -9.62
N TYR A 259 -2.52 2.74 -9.43
CA TYR A 259 -3.21 3.01 -8.16
C TYR A 259 -2.40 2.48 -6.97
N ASN A 260 -1.99 1.22 -7.04
CA ASN A 260 -1.23 0.63 -5.95
C ASN A 260 0.10 1.34 -5.75
N ASN A 261 0.73 1.78 -6.85
CA ASN A 261 1.98 2.51 -6.72
C ASN A 261 1.76 3.83 -5.98
N PHE A 262 0.71 4.56 -6.35
CA PHE A 262 0.41 5.81 -5.66
C PHE A 262 0.08 5.56 -4.21
N MET A 263 -0.67 4.49 -3.91
CA MET A 263 -0.96 4.27 -2.50
C MET A 263 0.30 3.93 -1.73
N HIS A 264 1.21 3.17 -2.34
CA HIS A 264 2.49 2.87 -1.70
C HIS A 264 3.27 4.15 -1.43
N TYR A 265 3.31 5.05 -2.42
CA TYR A 265 4.00 6.32 -2.28
C TYR A 265 3.37 7.18 -1.20
N LEU A 266 2.05 7.34 -1.23
CA LEU A 266 1.38 8.22 -0.27
C LEU A 266 1.54 7.71 1.15
N THR A 267 1.19 6.45 1.38
CA THR A 267 1.26 5.91 2.73
C THR A 267 2.69 5.76 3.21
N GLY A 268 3.61 5.41 2.32
CA GLY A 268 5.01 5.24 2.68
C GLY A 268 5.66 6.56 3.04
N CSO A 269 5.32 7.60 2.29
CA CSO A 269 5.83 8.93 2.62
CB CSO A 269 5.49 9.93 1.52
SG CSO A 269 6.73 9.86 0.22
C CSO A 269 5.24 9.40 3.93
O CSO A 269 5.94 10.01 4.76
OD CSO A 269 7.46 11.49 0.11
N ALA A 270 3.96 9.12 4.15
CA ALA A 270 3.33 9.60 5.39
C ALA A 270 4.01 8.98 6.60
N GLU A 271 4.29 7.67 6.49
CA GLU A 271 4.96 6.96 7.56
C GLU A 271 6.31 7.58 7.86
N ARG A 272 7.03 7.99 6.82
CA ARG A 272 8.40 8.47 7.03
C ARG A 272 8.43 9.92 7.50
N PHE A 273 7.43 10.72 7.16
CA PHE A 273 7.33 12.02 7.82
C PHE A 273 7.03 11.83 9.30
N ARG A 274 6.09 10.95 9.62
CA ARG A 274 5.76 10.73 11.04
C ARG A 274 6.97 10.27 11.81
N ARG A 275 7.80 9.43 11.18
CA ARG A 275 8.98 8.88 11.81
C ARG A 275 10.11 9.89 11.87
N GLY A 276 10.06 10.94 11.06
CA GLY A 276 11.07 11.97 11.08
C GLY A 276 12.25 11.74 10.17
N LEU A 277 12.14 10.84 9.20
CA LEU A 277 13.28 10.58 8.33
C LEU A 277 13.55 11.73 7.39
N ILE A 278 12.51 12.46 7.01
CA ILE A 278 12.67 13.65 6.18
C ILE A 278 11.77 14.76 6.74
N ASN A 279 11.94 15.96 6.19
CA ASN A 279 11.21 17.11 6.69
C ASN A 279 10.79 17.97 5.52
N VAL A 280 10.05 19.02 5.84
CA VAL A 280 9.59 20.01 4.89
C VAL A 280 9.45 21.31 5.66
N ALA A 281 9.85 22.42 5.06
CA ALA A 281 9.87 23.66 5.82
C ALA A 281 9.69 24.83 4.88
N GLN A 282 9.24 25.94 5.46
CA GLN A 282 9.17 27.22 4.75
C GLN A 282 10.34 28.06 5.25
N PHE A 283 11.24 28.43 4.34
CA PHE A 283 12.38 29.27 4.65
C PHE A 283 12.07 30.69 4.20
N THR A 284 12.00 31.62 5.15
CA THR A 284 11.82 33.04 4.82
C THR A 284 13.19 33.65 4.52
N MET A 285 13.33 34.17 3.31
CA MET A 285 14.63 34.48 2.72
C MET A 285 14.62 35.97 2.42
N THR A 286 15.54 36.73 3.02
CA THR A 286 15.54 38.18 2.78
C THR A 286 16.91 38.60 2.28
N LYS A 287 16.96 39.80 1.74
CA LYS A 287 18.21 40.34 1.19
C LYS A 287 18.95 41.26 2.16
N ASP B 17 5.48 -11.94 16.49
CA ASP B 17 4.31 -12.72 16.12
C ASP B 17 3.02 -11.88 16.23
N ILE B 18 2.30 -11.77 15.12
CA ILE B 18 1.19 -10.82 15.02
C ILE B 18 0.01 -11.30 15.86
N SER B 19 -0.59 -10.39 16.61
CA SER B 19 -1.62 -10.69 17.58
C SER B 19 -2.95 -11.03 16.92
N ASP B 20 -3.70 -11.95 17.55
CA ASP B 20 -5.05 -12.24 17.09
C ASP B 20 -5.90 -10.97 16.99
N ASP B 21 -5.66 -9.98 17.87
CA ASP B 21 -6.46 -8.77 17.85
C ASP B 21 -6.28 -8.01 16.55
N PHE B 22 -5.15 -8.19 15.87
CA PHE B 22 -4.93 -7.54 14.58
C PHE B 22 -5.72 -8.23 13.48
N PHE B 23 -5.64 -9.56 13.39
CA PHE B 23 -6.40 -10.29 12.39
C PHE B 23 -7.90 -10.11 12.58
N ALA B 24 -8.34 -9.95 13.84
CA ALA B 24 -9.75 -9.73 14.13
C ALA B 24 -10.31 -8.51 13.44
N LEU B 25 -9.44 -7.56 13.10
CA LEU B 25 -9.91 -6.33 12.48
C LEU B 25 -10.31 -6.51 11.03
N PHE B 26 -9.85 -7.56 10.35
CA PHE B 26 -10.19 -7.70 8.95
C PHE B 26 -10.72 -9.07 8.56
N LEU B 27 -10.65 -10.06 9.42
CA LEU B 27 -11.23 -11.36 9.11
C LEU B 27 -12.69 -11.40 9.55
N ASP B 28 -13.45 -12.30 8.93
CA ASP B 28 -14.86 -12.51 9.26
C ASP B 28 -14.95 -13.41 10.49
N PRO B 29 -16.15 -13.59 11.05
CA PRO B 29 -16.27 -14.39 12.29
C PRO B 29 -15.84 -15.85 12.17
N THR B 30 -15.72 -16.43 10.97
CA THR B 30 -15.13 -17.77 10.86
C THR B 30 -13.65 -17.78 11.17
N TRP B 31 -12.98 -16.62 11.15
CA TRP B 31 -11.53 -16.50 11.26
C TRP B 31 -10.80 -17.21 10.12
N VAL B 32 -11.51 -17.59 9.06
CA VAL B 32 -10.85 -18.23 7.93
C VAL B 32 -9.93 -17.22 7.23
N TYR B 33 -8.74 -17.67 6.86
CA TYR B 33 -7.67 -16.79 6.38
C TYR B 33 -7.14 -17.32 5.05
N THR B 34 -8.04 -17.87 4.24
CA THR B 34 -7.71 -18.44 2.96
C THR B 34 -8.78 -18.03 1.96
N CYS B 35 -8.52 -18.29 0.68
CA CYS B 35 -9.42 -17.89 -0.39
C CYS B 35 -10.86 -18.29 -0.09
N ALA B 36 -11.76 -17.31 -0.14
CA ALA B 36 -13.18 -17.56 0.04
C ALA B 36 -13.79 -18.02 -1.29
N TYR B 37 -15.05 -18.43 -1.26
CA TYR B 37 -15.75 -18.90 -2.46
C TYR B 37 -17.07 -18.16 -2.55
N PHE B 38 -17.15 -17.17 -3.44
CA PHE B 38 -18.38 -16.38 -3.60
C PHE B 38 -19.35 -17.12 -4.51
N GLU B 39 -19.91 -18.20 -3.95
CA GLU B 39 -20.83 -19.06 -4.69
C GLU B 39 -22.01 -18.27 -5.22
N ARG B 40 -22.51 -17.32 -4.43
CA ARG B 40 -23.41 -16.28 -4.91
C ARG B 40 -22.65 -14.96 -4.92
N ASP B 41 -22.91 -14.14 -5.94
CA ASP B 41 -22.16 -12.90 -6.08
C ASP B 41 -22.36 -11.99 -4.88
N ASP B 42 -23.50 -12.10 -4.19
CA ASP B 42 -23.84 -11.20 -3.10
C ASP B 42 -23.62 -11.80 -1.73
N MET B 43 -22.87 -12.90 -1.61
CA MET B 43 -22.60 -13.35 -0.25
C MET B 43 -21.65 -12.41 0.46
N THR B 44 -21.80 -12.34 1.78
CA THR B 44 -20.83 -11.68 2.62
C THR B 44 -19.56 -12.51 2.69
N LEU B 45 -18.51 -11.90 3.24
CA LEU B 45 -17.25 -12.63 3.42
C LEU B 45 -17.46 -13.87 4.28
N GLU B 46 -18.26 -13.76 5.35
CA GLU B 46 -18.51 -14.93 6.20
C GLU B 46 -19.25 -16.02 5.43
N GLU B 47 -20.28 -15.65 4.65
CA GLU B 47 -20.99 -16.66 3.87
C GLU B 47 -20.07 -17.29 2.84
N ALA B 48 -19.20 -16.49 2.24
CA ALA B 48 -18.28 -17.01 1.23
C ALA B 48 -17.22 -17.92 1.85
N GLN B 49 -16.82 -17.65 3.08
CA GLN B 49 -15.85 -18.54 3.72
C GLN B 49 -16.48 -19.86 4.09
N LEU B 50 -17.70 -19.84 4.63
CA LEU B 50 -18.40 -21.09 4.88
C LEU B 50 -18.69 -21.82 3.58
N ALA B 51 -19.01 -21.07 2.51
CA ALA B 51 -19.23 -21.73 1.23
C ALA B 51 -17.96 -22.41 0.74
N LYS B 52 -16.81 -21.79 0.98
CA LYS B 52 -15.54 -22.40 0.60
C LYS B 52 -15.28 -23.66 1.41
N VAL B 53 -15.55 -23.63 2.72
CA VAL B 53 -15.34 -24.82 3.53
C VAL B 53 -16.28 -25.94 3.09
N ASP B 54 -17.56 -25.62 2.89
CA ASP B 54 -18.53 -26.61 2.47
C ASP B 54 -18.20 -27.14 1.08
N LEU B 55 -17.71 -26.26 0.20
CA LEU B 55 -17.29 -26.70 -1.13
C LEU B 55 -16.28 -27.82 -1.04
N ALA B 56 -15.31 -27.69 -0.13
CA ALA B 56 -14.29 -28.70 0.08
C ALA B 56 -14.86 -29.94 0.77
N LEU B 57 -15.61 -29.73 1.85
CA LEU B 57 -16.10 -30.86 2.65
C LEU B 57 -17.11 -31.70 1.87
N ASP B 58 -17.94 -31.06 1.03
CA ASP B 58 -18.90 -31.81 0.22
C ASP B 58 -18.19 -32.78 -0.71
N LYS B 59 -16.98 -32.45 -1.17
CA LYS B 59 -16.20 -33.31 -2.05
C LYS B 59 -15.62 -34.52 -1.34
N LEU B 60 -15.68 -34.56 -0.01
CA LEU B 60 -15.12 -35.66 0.75
C LEU B 60 -16.13 -36.74 1.07
N ASN B 61 -17.41 -36.52 0.75
CA ASN B 61 -18.47 -37.51 0.97
C ASN B 61 -18.49 -37.98 2.43
N LEU B 62 -18.50 -37.02 3.33
CA LEU B 62 -18.44 -37.31 4.76
C LEU B 62 -19.73 -37.98 5.24
N GLU B 63 -19.58 -39.02 6.05
CA GLU B 63 -20.76 -39.51 6.74
C GLU B 63 -20.61 -39.25 8.23
N PRO B 64 -21.71 -39.02 8.95
CA PRO B 64 -21.61 -38.77 10.38
C PRO B 64 -20.77 -39.84 11.08
N GLY B 65 -19.93 -39.41 12.01
CA GLY B 65 -19.10 -40.34 12.74
C GLY B 65 -17.78 -40.66 12.07
N MET B 66 -17.58 -40.21 10.83
CA MET B 66 -16.27 -40.34 10.25
C MET B 66 -15.30 -39.46 11.04
N THR B 67 -14.01 -39.67 10.85
CA THR B 67 -12.99 -38.79 11.42
C THR B 67 -12.30 -38.00 10.30
N LEU B 68 -12.38 -36.68 10.40
CA LEU B 68 -11.77 -35.77 9.43
C LEU B 68 -10.52 -35.16 10.02
N LEU B 69 -9.43 -35.17 9.25
CA LEU B 69 -8.21 -34.45 9.61
C LEU B 69 -8.16 -33.15 8.82
N ASP B 70 -7.94 -32.03 9.53
CA ASP B 70 -7.70 -30.73 8.90
C ASP B 70 -6.22 -30.44 9.09
N VAL B 71 -5.42 -30.52 8.01
CA VAL B 71 -3.99 -30.28 8.10
C VAL B 71 -3.75 -28.78 7.93
N GLY B 72 -3.30 -28.13 9.01
CA GLY B 72 -3.01 -26.70 9.00
C GLY B 72 -4.26 -25.91 9.31
N CYS B 73 -4.85 -26.12 10.49
CA CYS B 73 -6.26 -25.80 10.71
C CYS B 73 -6.50 -24.34 11.07
N GLY B 74 -5.46 -23.51 11.16
CA GLY B 74 -5.70 -22.11 11.45
C GLY B 74 -6.45 -21.93 12.74
N TRP B 75 -7.33 -20.92 12.76
CA TRP B 75 -8.10 -20.61 13.96
C TRP B 75 -9.37 -21.44 14.09
N GLY B 76 -9.48 -22.54 13.33
CA GLY B 76 -10.43 -23.61 13.59
C GLY B 76 -11.77 -23.52 12.88
N GLY B 77 -11.93 -22.58 11.94
CA GLY B 77 -13.23 -22.40 11.31
C GLY B 77 -13.75 -23.65 10.63
N ALA B 78 -12.89 -24.31 9.83
CA ALA B 78 -13.32 -25.51 9.11
C ALA B 78 -13.58 -26.68 10.05
N LEU B 79 -12.81 -26.79 11.14
CA LEU B 79 -13.07 -27.81 12.14
C LEU B 79 -14.45 -27.64 12.75
N VAL B 80 -14.77 -26.40 13.16
CA VAL B 80 -16.07 -26.13 13.75
C VAL B 80 -17.18 -26.44 12.75
N ARG B 81 -16.98 -26.03 11.49
CA ARG B 81 -17.99 -26.26 10.47
C ARG B 81 -18.19 -27.75 10.23
N ALA B 82 -17.11 -28.51 10.20
CA ALA B 82 -17.20 -29.96 10.00
C ALA B 82 -18.01 -30.62 11.09
N VAL B 83 -17.74 -30.28 12.36
CA VAL B 83 -18.55 -30.84 13.45
C VAL B 83 -20.01 -30.44 13.31
N GLU B 84 -20.25 -29.13 13.11
CA GLU B 84 -21.60 -28.60 13.23
C GLU B 84 -22.48 -29.05 12.06
N LYS B 85 -21.97 -28.97 10.84
CA LYS B 85 -22.79 -29.27 9.67
C LYS B 85 -22.71 -30.73 9.25
N TYR B 86 -21.53 -31.35 9.36
CA TYR B 86 -21.33 -32.69 8.85
C TYR B 86 -21.30 -33.76 9.94
N ASP B 87 -21.28 -33.38 11.22
CA ASP B 87 -21.38 -34.32 12.34
C ASP B 87 -20.27 -35.38 12.29
N VAL B 88 -19.04 -34.92 12.05
CA VAL B 88 -17.87 -35.80 12.03
C VAL B 88 -17.01 -35.52 13.25
N ASN B 89 -16.27 -36.53 13.67
CA ASN B 89 -15.13 -36.33 14.56
C ASN B 89 -14.06 -35.56 13.78
N VAL B 90 -13.34 -34.68 14.47
CA VAL B 90 -12.31 -33.89 13.80
C VAL B 90 -11.00 -33.88 14.59
N ILE B 91 -9.91 -33.81 13.85
CA ILE B 91 -8.59 -33.56 14.41
C ILE B 91 -7.96 -32.47 13.56
N GLY B 92 -7.57 -31.37 14.19
CA GLY B 92 -6.89 -30.28 13.50
C GLY B 92 -5.44 -30.22 13.92
N LEU B 93 -4.54 -30.05 12.94
CA LEU B 93 -3.11 -29.91 13.18
C LEU B 93 -2.71 -28.49 12.82
N THR B 94 -1.92 -27.86 13.68
CA THR B 94 -1.36 -26.55 13.34
C THR B 94 0.01 -26.45 14.00
N LEU B 95 0.87 -25.61 13.44
CA LEU B 95 2.14 -25.29 14.05
C LEU B 95 2.10 -23.99 14.84
N SER B 96 1.00 -23.25 14.77
CA SER B 96 0.87 -21.94 15.39
C SER B 96 0.15 -22.06 16.74
N ARG B 97 0.76 -21.51 17.78
CA ARG B 97 0.15 -21.59 19.10
C ARG B 97 -1.17 -20.83 19.13
N ASN B 98 -1.21 -19.63 18.53
CA ASN B 98 -2.44 -18.86 18.51
C ASN B 98 -3.55 -19.56 17.75
N HIS B 99 -3.21 -20.20 16.62
CA HIS B 99 -4.19 -20.99 15.90
C HIS B 99 -4.69 -22.15 16.76
N TYR B 100 -3.75 -22.85 17.41
CA TYR B 100 -4.11 -23.97 18.27
C TYR B 100 -5.07 -23.54 19.38
N GLU B 101 -4.74 -22.45 20.07
CA GLU B 101 -5.54 -22.05 21.23
C GLU B 101 -6.96 -21.67 20.82
N ARG B 102 -7.12 -20.91 19.74
CA ARG B 102 -8.47 -20.53 19.31
C ARG B 102 -9.24 -21.72 18.76
N SER B 103 -8.59 -22.59 17.99
CA SER B 103 -9.24 -23.82 17.54
C SER B 103 -9.70 -24.64 18.73
N LYS B 104 -8.83 -24.79 19.72
CA LYS B 104 -9.19 -25.62 20.87
C LYS B 104 -10.38 -25.04 21.61
N ASP B 105 -10.38 -23.73 21.82
CA ASP B 105 -11.49 -23.09 22.54
C ASP B 105 -12.78 -23.20 21.76
N ARG B 106 -12.74 -22.91 20.45
CA ARG B 106 -13.95 -22.95 19.64
C ARG B 106 -14.54 -24.36 19.60
N LEU B 107 -13.71 -25.38 19.44
CA LEU B 107 -14.23 -26.73 19.43
C LEU B 107 -14.88 -27.09 20.76
N ALA B 108 -14.24 -26.69 21.87
CA ALA B 108 -14.80 -27.06 23.17
C ALA B 108 -16.12 -26.36 23.42
N ALA B 109 -16.31 -25.17 22.85
CA ALA B 109 -17.55 -24.44 23.08
C ALA B 109 -18.73 -25.01 22.32
N ILE B 110 -18.49 -25.89 21.33
CA ILE B 110 -19.60 -26.52 20.61
C ILE B 110 -20.42 -27.39 21.55
N GLY B 111 -19.75 -28.04 22.49
CA GLY B 111 -20.43 -29.02 23.32
C GLY B 111 -20.86 -30.23 22.52
N THR B 112 -20.01 -30.69 21.61
CA THR B 112 -20.31 -31.86 20.81
C THR B 112 -19.98 -33.14 21.56
N GLN B 113 -20.69 -34.21 21.21
CA GLN B 113 -20.32 -35.56 21.64
C GLN B 113 -19.30 -36.21 20.72
N ARG B 114 -19.04 -35.61 19.55
CA ARG B 114 -17.98 -36.12 18.70
C ARG B 114 -16.62 -35.81 19.31
N ARG B 115 -15.63 -36.61 18.93
CA ARG B 115 -14.27 -36.28 19.27
C ARG B 115 -13.88 -35.08 18.42
N ALA B 116 -13.42 -34.02 19.07
CA ALA B 116 -13.08 -32.79 18.35
C ALA B 116 -11.84 -32.24 19.01
N GLU B 117 -10.70 -32.31 18.32
CA GLU B 117 -9.47 -31.91 18.97
C GLU B 117 -8.61 -31.11 18.01
N ALA B 118 -8.00 -30.08 18.57
CA ALA B 118 -6.95 -29.31 17.93
C ALA B 118 -5.61 -29.73 18.54
N ARG B 119 -4.58 -29.76 17.72
CA ARG B 119 -3.26 -30.16 18.17
C ARG B 119 -2.21 -29.20 17.65
N LEU B 120 -1.29 -28.84 18.53
CA LEU B 120 -0.07 -28.16 18.11
C LEU B 120 0.91 -29.24 17.69
N GLN B 121 0.84 -29.61 16.42
CA GLN B 121 1.50 -30.80 15.91
C GLN B 121 1.53 -30.69 14.38
N GLY B 122 2.68 -31.00 13.80
CA GLY B 122 2.79 -31.04 12.36
C GLY B 122 2.32 -32.34 11.77
N TRP B 123 1.93 -32.30 10.49
CA TRP B 123 1.51 -33.53 9.84
C TRP B 123 2.60 -34.58 9.86
N GLU B 124 3.87 -34.14 9.89
CA GLU B 124 5.00 -35.06 9.84
C GLU B 124 5.02 -36.00 11.06
N GLU B 125 4.42 -35.56 12.16
CA GLU B 125 4.38 -36.34 13.38
C GLU B 125 3.03 -37.03 13.59
N PHE B 126 2.08 -36.84 12.69
CA PHE B 126 0.74 -37.41 12.85
C PHE B 126 0.66 -38.74 12.13
N GLU B 127 0.29 -39.81 12.86
CA GLU B 127 0.35 -41.13 12.27
C GLU B 127 -0.93 -41.94 12.48
N GLU B 128 -2.03 -41.30 12.86
CA GLU B 128 -3.27 -42.01 13.19
C GLU B 128 -4.16 -42.19 11.96
N ASN B 129 -4.90 -43.31 11.95
CA ASN B 129 -5.94 -43.49 10.94
C ASN B 129 -6.97 -42.38 11.01
N VAL B 130 -7.31 -41.83 9.84
CA VAL B 130 -8.42 -40.89 9.65
C VAL B 130 -9.15 -41.31 8.38
N ASP B 131 -10.39 -40.88 8.27
CA ASP B 131 -11.20 -41.29 7.13
C ASP B 131 -11.06 -40.38 5.93
N ARG B 132 -10.87 -39.09 6.17
CA ARG B 132 -10.78 -38.08 5.12
C ARG B 132 -9.82 -37.01 5.60
N ILE B 133 -9.16 -36.33 4.65
CA ILE B 133 -8.26 -35.23 4.97
C ILE B 133 -8.69 -33.99 4.21
N VAL B 134 -8.65 -32.85 4.87
CA VAL B 134 -8.81 -31.56 4.20
C VAL B 134 -7.64 -30.68 4.59
N SER B 135 -7.30 -29.74 3.73
CA SER B 135 -6.20 -28.83 4.04
C SER B 135 -6.41 -27.58 3.21
N PHE B 136 -6.39 -26.42 3.87
CA PHE B 136 -6.63 -25.15 3.19
C PHE B 136 -5.38 -24.27 3.33
N GLU B 137 -4.59 -24.17 2.25
CA GLU B 137 -3.41 -23.29 2.16
C GLU B 137 -2.44 -23.51 3.31
N ALA B 138 -2.22 -24.79 3.65
CA ALA B 138 -1.08 -25.16 4.46
C ALA B 138 0.09 -25.65 3.62
N PHE B 139 -0.22 -26.22 2.45
CA PHE B 139 0.79 -26.92 1.65
C PHE B 139 1.94 -26.00 1.25
N ASP B 140 1.64 -24.74 0.95
CA ASP B 140 2.70 -23.81 0.56
C ASP B 140 3.66 -23.51 1.70
N ALA B 141 3.28 -23.83 2.94
CA ALA B 141 4.17 -23.66 4.07
C ALA B 141 5.05 -24.88 4.33
N PHE B 142 4.79 -26.00 3.66
CA PHE B 142 5.61 -27.18 3.84
C PHE B 142 6.96 -26.99 3.15
N LYS B 143 7.98 -27.64 3.69
CA LYS B 143 9.27 -27.63 2.98
C LYS B 143 9.16 -28.43 1.69
N LYS B 144 9.75 -27.88 0.62
CA LYS B 144 9.58 -28.49 -0.70
C LYS B 144 10.17 -29.89 -0.74
N GLU B 145 11.18 -30.15 0.08
CA GLU B 145 11.74 -31.50 0.15
C GLU B 145 10.81 -32.48 0.83
N ARG B 146 9.67 -32.00 1.36
CA ARG B 146 8.70 -32.85 2.03
C ARG B 146 7.38 -32.96 1.28
N TYR B 147 7.28 -32.37 0.08
CA TYR B 147 6.02 -32.43 -0.65
C TYR B 147 5.59 -33.88 -0.90
N LEU B 148 6.48 -34.70 -1.46
CA LEU B 148 6.15 -36.09 -1.69
C LEU B 148 5.84 -36.81 -0.38
N THR B 149 6.70 -36.59 0.63
CA THR B 149 6.49 -37.19 1.94
C THR B 149 5.11 -36.87 2.49
N PHE B 150 4.62 -35.65 2.27
CA PHE B 150 3.29 -35.29 2.73
C PHE B 150 2.23 -36.13 2.04
N PHE B 151 2.33 -36.29 0.70
CA PHE B 151 1.34 -37.11 0.00
C PHE B 151 1.45 -38.58 0.38
N GLU B 152 2.67 -39.10 0.62
CA GLU B 152 2.82 -40.48 1.06
C GLU B 152 2.16 -40.71 2.43
N ARG B 153 2.42 -39.80 3.37
CA ARG B 153 1.79 -39.90 4.68
C ARG B 153 0.28 -39.82 4.58
N SER B 154 -0.22 -38.88 3.78
CA SER B 154 -1.67 -38.73 3.62
C SER B 154 -2.28 -40.01 3.02
N TYR B 155 -1.61 -40.57 2.02
CA TYR B 155 -2.07 -41.83 1.48
C TYR B 155 -2.09 -42.92 2.53
N ASP B 156 -1.02 -43.03 3.32
CA ASP B 156 -0.88 -44.12 4.26
C ASP B 156 -1.93 -44.06 5.38
N ILE B 157 -2.35 -42.87 5.80
CA ILE B 157 -3.27 -42.81 6.93
C ILE B 157 -4.73 -42.87 6.50
N LEU B 158 -5.01 -42.74 5.21
CA LEU B 158 -6.36 -42.80 4.67
C LEU B 158 -6.74 -44.25 4.38
N PRO B 159 -8.02 -44.58 4.51
CA PRO B 159 -8.46 -45.93 4.13
C PRO B 159 -8.35 -46.10 2.62
N ASP B 160 -8.60 -47.33 2.17
CA ASP B 160 -8.42 -47.64 0.77
C ASP B 160 -9.35 -46.82 -0.12
N ASP B 161 -10.51 -46.43 0.41
CA ASP B 161 -11.45 -45.59 -0.32
C ASP B 161 -11.43 -44.16 0.23
N GLY B 162 -10.33 -43.77 0.84
CA GLY B 162 -10.22 -42.43 1.40
C GLY B 162 -10.10 -41.35 0.34
N ARG B 163 -10.37 -40.12 0.74
CA ARG B 163 -10.28 -38.98 -0.16
C ARG B 163 -9.60 -37.86 0.60
N MET B 164 -8.85 -37.03 -0.13
CA MET B 164 -8.29 -35.85 0.49
C MET B 164 -8.62 -34.67 -0.40
N LEU B 165 -9.05 -33.57 0.21
CA LEU B 165 -9.26 -32.32 -0.53
C LEU B 165 -8.12 -31.38 -0.16
N LEU B 166 -7.22 -31.17 -1.12
CA LEU B 166 -6.10 -30.25 -0.96
C LEU B 166 -6.47 -28.93 -1.63
N HIS B 167 -6.64 -27.90 -0.81
CA HIS B 167 -6.90 -26.54 -1.28
C HIS B 167 -5.55 -25.83 -1.15
N SER B 168 -4.97 -25.43 -2.28
CA SER B 168 -3.61 -24.90 -2.25
C SER B 168 -3.41 -23.80 -3.29
N LEU B 169 -2.65 -22.80 -2.88
CA LEU B 169 -1.98 -21.90 -3.80
C LEU B 169 -1.00 -22.65 -4.68
N PHE B 170 -0.72 -22.08 -5.85
CA PHE B 170 0.41 -22.51 -6.64
C PHE B 170 0.77 -21.40 -7.60
N THR B 171 2.03 -21.42 -8.03
CA THR B 171 2.50 -20.44 -8.99
C THR B 171 2.49 -21.03 -10.40
N TYR B 172 2.40 -20.13 -11.36
CA TYR B 172 2.68 -20.50 -12.74
C TYR B 172 4.15 -20.22 -13.04
N ASP B 173 4.74 -21.06 -13.89
CA ASP B 173 6.10 -20.81 -14.33
C ASP B 173 6.10 -19.77 -15.44
N ARG B 174 7.24 -19.08 -15.59
CA ARG B 174 7.35 -17.97 -16.54
C ARG B 174 7.23 -18.44 -17.99
N ARG B 175 7.64 -19.67 -18.30
CA ARG B 175 7.50 -20.15 -19.67
C ARG B 175 6.03 -20.27 -20.04
N TRP B 176 5.23 -20.91 -19.18
CA TRP B 176 3.80 -21.00 -19.41
C TRP B 176 3.15 -19.62 -19.43
N LEU B 177 3.55 -18.74 -18.51
CA LEU B 177 2.99 -17.39 -18.52
C LEU B 177 3.26 -16.70 -19.86
N HIS B 178 4.50 -16.80 -20.37
CA HIS B 178 4.80 -16.16 -21.65
C HIS B 178 3.87 -16.66 -22.73
N GLU B 179 3.57 -17.96 -22.72
CA GLU B 179 2.65 -18.55 -23.69
C GLU B 179 1.23 -18.02 -23.53
N GLN B 180 0.89 -17.47 -22.35
CA GLN B 180 -0.41 -16.85 -22.14
C GLN B 180 -0.37 -15.35 -22.34
N GLY B 181 0.76 -14.81 -22.81
CA GLY B 181 0.90 -13.39 -23.04
C GLY B 181 1.33 -12.59 -21.84
N ILE B 182 1.89 -13.22 -20.81
CA ILE B 182 2.18 -12.57 -19.53
C ILE B 182 3.68 -12.69 -19.25
N ALA B 183 4.29 -11.59 -18.84
CA ALA B 183 5.66 -11.57 -18.35
C ALA B 183 5.68 -10.94 -16.96
N LEU B 184 6.62 -11.40 -16.12
CA LEU B 184 6.85 -10.78 -14.82
C LEU B 184 7.62 -9.48 -14.99
N THR B 185 7.14 -8.42 -14.35
CA THR B 185 7.84 -7.16 -14.36
C THR B 185 8.87 -7.14 -13.24
N MET B 186 9.73 -6.11 -13.27
CA MET B 186 10.66 -5.91 -12.16
C MET B 186 9.89 -5.73 -10.85
N SER B 187 8.74 -5.05 -10.90
CA SER B 187 7.92 -4.88 -9.72
C SER B 187 7.41 -6.22 -9.20
N ASP B 188 7.01 -7.12 -10.11
CA ASP B 188 6.59 -8.45 -9.71
C ASP B 188 7.71 -9.20 -9.01
N LEU B 189 8.93 -9.13 -9.56
CA LEU B 189 10.07 -9.81 -8.93
C LEU B 189 10.36 -9.20 -7.56
N ARG B 190 10.22 -7.88 -7.44
CA ARG B 190 10.46 -7.25 -6.15
C ARG B 190 9.39 -7.64 -5.15
N PHE B 191 8.15 -7.81 -5.62
CA PHE B 191 7.08 -8.25 -4.74
C PHE B 191 7.34 -9.67 -4.22
N LEU B 192 7.81 -10.57 -5.10
CA LEU B 192 8.16 -11.93 -4.66
C LEU B 192 9.26 -11.89 -3.62
N LYS B 193 10.25 -11.03 -3.81
CA LYS B 193 11.31 -10.85 -2.82
C LYS B 193 10.73 -10.37 -1.50
N PHE B 194 9.84 -9.37 -1.57
CA PHE B 194 9.19 -8.86 -0.38
C PHE B 194 8.47 -9.98 0.37
N LEU B 195 7.72 -10.81 -0.36
CA LEU B 195 7.01 -11.91 0.29
C LEU B 195 7.99 -12.89 0.94
N ARG B 196 9.03 -13.28 0.21
CA ARG B 196 10.00 -14.22 0.74
C ARG B 196 10.67 -13.70 2.01
N GLU B 197 11.07 -12.44 2.01
CA GLU B 197 11.75 -11.87 3.16
C GLU B 197 10.81 -11.36 4.24
N SER B 198 9.50 -11.45 4.03
CA SER B 198 8.51 -10.99 5.00
C SER B 198 7.97 -12.17 5.80
N ILE B 199 6.95 -11.90 6.60
CA ILE B 199 6.27 -12.92 7.40
C ILE B 199 5.07 -13.47 6.63
N PHE B 200 4.99 -13.16 5.33
CA PHE B 200 3.79 -13.45 4.56
C PHE B 200 3.99 -14.65 3.63
N PRO B 201 2.92 -15.34 3.27
CA PRO B 201 3.05 -16.42 2.28
C PRO B 201 3.09 -15.88 0.86
N GLY B 202 3.56 -16.73 -0.06
CA GLY B 202 3.53 -16.43 -1.48
C GLY B 202 4.88 -16.25 -2.14
N GLY B 203 5.97 -16.27 -1.38
CA GLY B 203 7.28 -16.00 -1.96
C GLY B 203 7.89 -17.16 -2.72
N GLU B 204 7.71 -18.38 -2.20
CA GLU B 204 8.26 -19.58 -2.82
C GLU B 204 7.14 -20.61 -2.98
N LEU B 205 6.09 -20.24 -3.72
CA LEU B 205 4.93 -21.11 -3.85
C LEU B 205 5.30 -22.40 -4.57
N PRO B 206 4.59 -23.49 -4.32
CA PRO B 206 4.76 -24.66 -5.16
C PRO B 206 4.19 -24.42 -6.55
N SER B 207 4.75 -25.15 -7.50
CA SER B 207 4.16 -25.17 -8.82
C SER B 207 2.98 -26.14 -8.81
N GLU B 208 2.17 -26.11 -9.86
CA GLU B 208 1.14 -27.12 -9.95
C GLU B 208 1.71 -28.54 -10.06
N PRO B 209 2.76 -28.79 -10.84
CA PRO B 209 3.38 -30.13 -10.81
C PRO B 209 3.87 -30.54 -9.42
N ASP B 210 4.33 -29.58 -8.61
CA ASP B 210 4.74 -29.92 -7.24
C ASP B 210 3.58 -30.54 -6.48
N ILE B 211 2.37 -30.11 -6.79
CA ILE B 211 1.19 -30.72 -6.18
C ILE B 211 0.84 -32.01 -6.89
N VAL B 212 0.58 -31.92 -8.20
CA VAL B 212 -0.04 -33.00 -8.95
C VAL B 212 0.94 -34.17 -9.12
N ASP B 213 2.19 -33.89 -9.47
CA ASP B 213 3.13 -34.99 -9.74
C ASP B 213 3.43 -35.78 -8.47
N ASN B 214 3.63 -35.08 -7.36
CA ASN B 214 3.92 -35.76 -6.11
C ASN B 214 2.71 -36.49 -5.57
N ALA B 215 1.51 -35.92 -5.73
CA ALA B 215 0.30 -36.62 -5.32
C ALA B 215 0.16 -37.93 -6.10
N GLN B 216 0.40 -37.86 -7.42
CA GLN B 216 0.26 -39.05 -8.25
C GLN B 216 1.34 -40.08 -7.94
N ALA B 217 2.58 -39.62 -7.73
CA ALA B 217 3.66 -40.52 -7.34
C ALA B 217 3.32 -41.28 -6.06
N ALA B 218 2.60 -40.63 -5.13
CA ALA B 218 2.18 -41.25 -3.88
C ALA B 218 0.99 -42.18 -4.05
N GLY B 219 0.34 -42.21 -5.21
CA GLY B 219 -0.74 -43.12 -5.48
C GLY B 219 -2.10 -42.48 -5.62
N PHE B 220 -2.21 -41.16 -5.45
CA PHE B 220 -3.49 -40.50 -5.59
C PHE B 220 -3.86 -40.27 -7.05
N THR B 221 -5.16 -40.25 -7.30
CA THR B 221 -5.74 -39.80 -8.54
C THR B 221 -6.29 -38.39 -8.33
N ILE B 222 -6.06 -37.50 -9.28
CA ILE B 222 -6.62 -36.15 -9.21
C ILE B 222 -8.00 -36.22 -9.87
N GLU B 223 -9.04 -36.40 -9.05
CA GLU B 223 -10.39 -36.57 -9.58
C GLU B 223 -10.98 -35.25 -10.08
N HIS B 224 -10.59 -34.12 -9.51
CA HIS B 224 -11.15 -32.85 -9.94
C HIS B 224 -10.22 -31.73 -9.50
N VAL B 225 -10.11 -30.69 -10.31
CA VAL B 225 -9.42 -29.45 -9.93
C VAL B 225 -10.40 -28.30 -10.12
N GLN B 226 -10.55 -27.46 -9.10
CA GLN B 226 -11.43 -26.32 -9.16
C GLN B 226 -10.60 -25.07 -8.91
N LEU B 227 -10.40 -24.28 -9.95
CA LEU B 227 -9.63 -23.05 -9.85
C LEU B 227 -10.47 -21.95 -9.20
N LEU B 228 -9.84 -21.19 -8.33
CA LEU B 228 -10.55 -20.14 -7.60
C LEU B 228 -9.85 -18.78 -7.72
N GLN B 229 -9.13 -18.56 -8.81
CA GLN B 229 -8.26 -17.39 -8.97
C GLN B 229 -8.95 -16.09 -8.60
N GLN B 230 -10.08 -15.79 -9.25
CA GLN B 230 -10.69 -14.48 -9.07
C GLN B 230 -11.46 -14.39 -7.77
N HIS B 231 -11.82 -15.54 -7.17
CA HIS B 231 -12.34 -15.52 -5.82
C HIS B 231 -11.29 -15.03 -4.83
N TYR B 232 -10.01 -15.39 -5.05
CA TYR B 232 -8.98 -14.90 -4.14
C TYR B 232 -8.76 -13.42 -4.33
N ALA B 233 -8.78 -12.96 -5.59
CA ALA B 233 -8.69 -11.52 -5.84
C ALA B 233 -9.74 -10.78 -5.02
N ARG B 234 -10.99 -11.27 -5.05
CA ARG B 234 -12.06 -10.62 -4.29
C ARG B 234 -11.85 -10.73 -2.79
N THR B 235 -11.43 -11.92 -2.32
CA THR B 235 -11.16 -12.14 -0.91
C THR B 235 -10.11 -11.17 -0.39
N LEU B 236 -8.99 -11.05 -1.12
CA LEU B 236 -7.94 -10.13 -0.73
C LEU B 236 -8.42 -8.69 -0.74
N ASP B 237 -9.24 -8.32 -1.74
CA ASP B 237 -9.80 -6.96 -1.77
C ASP B 237 -10.64 -6.70 -0.52
N ALA B 238 -11.43 -7.70 -0.11
CA ALA B 238 -12.27 -7.54 1.06
C ALA B 238 -11.43 -7.39 2.33
N TRP B 239 -10.38 -8.21 2.48
CA TRP B 239 -9.52 -8.09 3.65
C TRP B 239 -8.83 -6.74 3.67
N ALA B 240 -8.34 -6.30 2.51
CA ALA B 240 -7.68 -5.00 2.43
C ALA B 240 -8.64 -3.88 2.82
N ALA B 241 -9.86 -3.91 2.28
CA ALA B 241 -10.82 -2.87 2.61
C ALA B 241 -11.19 -2.91 4.08
N ASN B 242 -11.33 -4.11 4.65
CA ASN B 242 -11.63 -4.22 6.08
C ASN B 242 -10.51 -3.66 6.92
N LEU B 243 -9.26 -3.98 6.57
CA LEU B 243 -8.10 -3.48 7.32
C LEU B 243 -7.96 -1.97 7.16
N GLN B 244 -8.23 -1.46 5.94
CA GLN B 244 -8.20 -0.04 5.66
C GLN B 244 -9.20 0.70 6.54
N ALA B 245 -10.41 0.14 6.66
CA ALA B 245 -11.46 0.71 7.51
C ALA B 245 -11.08 0.69 8.99
N ALA B 246 -10.17 -0.20 9.37
CA ALA B 246 -9.73 -0.36 10.75
C ALA B 246 -8.31 0.13 10.97
N ARG B 247 -7.85 1.04 10.12
CA ARG B 247 -6.44 1.46 10.14
C ARG B 247 -6.02 1.96 11.51
N GLU B 248 -6.84 2.81 12.12
CA GLU B 248 -6.47 3.41 13.41
C GLU B 248 -6.25 2.33 14.46
N ARG B 249 -7.21 1.42 14.61
CA ARG B 249 -7.07 0.35 15.59
CA ARG B 249 -7.05 0.36 15.60
C ARG B 249 -5.92 -0.59 15.21
N ALA B 250 -5.75 -0.85 13.92
CA ALA B 250 -4.67 -1.72 13.47
C ALA B 250 -3.31 -1.19 13.89
N ILE B 251 -3.10 0.12 13.76
CA ILE B 251 -1.82 0.70 14.14
C ILE B 251 -1.65 0.69 15.66
N ALA B 252 -2.75 0.91 16.38
CA ALA B 252 -2.70 0.87 17.84
C ALA B 252 -2.39 -0.52 18.35
N VAL B 253 -2.97 -1.55 17.71
CA VAL B 253 -2.75 -2.92 18.14
C VAL B 253 -1.37 -3.40 17.70
N GLN B 254 -0.89 -2.93 16.54
CA GLN B 254 0.41 -3.33 16.06
C GLN B 254 1.21 -2.07 15.85
N SER B 255 1.39 -1.61 14.62
CA SER B 255 2.17 -0.42 14.32
C SER B 255 1.84 0.01 12.90
N GLU B 256 2.21 1.25 12.57
CA GLU B 256 2.01 1.73 11.21
C GLU B 256 2.78 0.89 10.21
N GLU B 257 4.02 0.49 10.55
CA GLU B 257 4.81 -0.30 9.61
C GLU B 257 4.15 -1.65 9.33
N VAL B 258 3.58 -2.28 10.35
CA VAL B 258 2.90 -3.56 10.16
C VAL B 258 1.64 -3.39 9.34
N TYR B 259 0.85 -2.37 9.66
CA TYR B 259 -0.33 -2.05 8.86
C TYR B 259 0.03 -1.89 7.40
N ASN B 260 1.03 -1.03 7.11
CA ASN B 260 1.39 -0.79 5.72
C ASN B 260 1.96 -2.03 5.06
N ASN B 261 2.67 -2.88 5.82
CA ASN B 261 3.22 -4.09 5.23
C ASN B 261 2.11 -5.07 4.89
N PHE B 262 1.13 -5.22 5.79
CA PHE B 262 -0.03 -6.05 5.48
C PHE B 262 -0.78 -5.51 4.28
N MET B 263 -0.96 -4.18 4.20
CA MET B 263 -1.67 -3.63 3.05
C MET B 263 -0.91 -3.91 1.76
N HIS B 264 0.42 -3.80 1.79
CA HIS B 264 1.20 -4.08 0.59
C HIS B 264 0.99 -5.53 0.16
N TYR B 265 1.04 -6.45 1.13
CA TYR B 265 0.81 -7.87 0.84
C TYR B 265 -0.60 -8.09 0.29
N LEU B 266 -1.62 -7.56 0.97
CA LEU B 266 -2.99 -7.85 0.55
C LEU B 266 -3.27 -7.26 -0.83
N THR B 267 -2.95 -5.98 -1.03
CA THR B 267 -3.27 -5.37 -2.32
C THR B 267 -2.37 -5.91 -3.42
N GLY B 268 -1.11 -6.19 -3.11
CA GLY B 268 -0.18 -6.74 -4.09
C GLY B 268 -0.57 -8.13 -4.55
N CSO B 269 -1.01 -8.97 -3.62
CA CSO B 269 -1.50 -10.31 -3.98
CB CSO B 269 -1.75 -11.16 -2.73
SG CSO B 269 -0.20 -11.79 -2.06
C CSO B 269 -2.77 -10.21 -4.81
O CSO B 269 -2.95 -10.97 -5.76
OD CSO B 269 0.24 -13.29 -3.00
N ALA B 270 -3.69 -9.33 -4.43
CA ALA B 270 -4.94 -9.21 -5.18
C ALA B 270 -4.67 -8.82 -6.61
N GLU B 271 -3.77 -7.86 -6.79
CA GLU B 271 -3.37 -7.42 -8.12
C GLU B 271 -2.85 -8.57 -8.94
N ARG B 272 -2.06 -9.43 -8.32
CA ARG B 272 -1.41 -10.49 -9.08
C ARG B 272 -2.32 -11.69 -9.34
N PHE B 273 -3.34 -11.92 -8.50
CA PHE B 273 -4.37 -12.88 -8.90
C PHE B 273 -5.15 -12.36 -10.11
N ARG B 274 -5.49 -11.07 -10.09
CA ARG B 274 -6.19 -10.51 -11.24
C ARG B 274 -5.35 -10.59 -12.50
N ARG B 275 -4.03 -10.39 -12.36
CA ARG B 275 -3.13 -10.43 -13.51
C ARG B 275 -2.91 -11.85 -13.98
N GLY B 276 -3.19 -12.84 -13.14
CA GLY B 276 -3.03 -14.22 -13.55
C GLY B 276 -1.67 -14.83 -13.29
N LEU B 277 -0.89 -14.27 -12.35
CA LEU B 277 0.46 -14.76 -12.14
C LEU B 277 0.50 -16.03 -11.32
N ILE B 278 -0.47 -16.22 -10.45
CA ILE B 278 -0.56 -17.41 -9.62
C ILE B 278 -2.03 -17.83 -9.59
N ASN B 279 -2.28 -18.94 -8.92
CA ASN B 279 -3.65 -19.41 -8.79
C ASN B 279 -3.85 -20.07 -7.44
N VAL B 280 -5.08 -20.47 -7.19
CA VAL B 280 -5.43 -21.24 -6.02
C VAL B 280 -6.50 -22.22 -6.45
N ALA B 281 -6.41 -23.46 -5.94
CA ALA B 281 -7.34 -24.48 -6.42
C ALA B 281 -7.62 -25.50 -5.33
N GLN B 282 -8.76 -26.16 -5.48
CA GLN B 282 -9.10 -27.32 -4.68
C GLN B 282 -8.89 -28.55 -5.55
N PHE B 283 -8.00 -29.45 -5.10
CA PHE B 283 -7.67 -30.69 -5.79
C PHE B 283 -8.37 -31.81 -5.06
N THR B 284 -9.33 -32.46 -5.72
CA THR B 284 -9.99 -33.62 -5.12
C THR B 284 -9.12 -34.84 -5.40
N MET B 285 -8.53 -35.41 -4.36
CA MET B 285 -7.64 -36.54 -4.52
C MET B 285 -8.21 -37.83 -3.95
N THR B 286 -8.21 -38.85 -4.80
CA THR B 286 -8.84 -40.13 -4.50
C THR B 286 -7.82 -41.25 -4.65
N LYS B 287 -8.25 -42.46 -4.32
CA LYS B 287 -7.34 -43.57 -4.21
C LYS B 287 -7.67 -44.67 -5.20
N SAH C . 3.91 24.32 -6.34
CA SAH C . 2.84 23.40 -6.74
CB SAH C . 3.44 22.21 -7.51
CG SAH C . 4.61 21.45 -6.91
SD SAH C . 5.11 20.11 -8.05
C SAH C . 2.07 22.96 -5.52
O SAH C . 2.26 23.50 -4.41
OXT SAH C . 1.20 22.10 -5.65
C5' SAH C . 6.62 20.91 -8.65
C4' SAH C . 6.41 21.96 -9.73
O4' SAH C . 7.66 22.57 -10.03
C3' SAH C . 5.91 21.38 -11.05
O3' SAH C . 4.98 22.28 -11.63
C2' SAH C . 7.17 21.34 -11.91
O2' SAH C . 6.91 21.41 -13.31
C1' SAH C . 7.86 22.59 -11.42
N9 SAH C . 9.30 22.64 -11.75
C8 SAH C . 10.26 21.69 -11.61
N7 SAH C . 11.44 22.21 -12.05
C5 SAH C . 11.21 23.49 -12.43
C6 SAH C . 12.02 24.48 -12.96
N6 SAH C . 13.32 24.29 -13.17
N1 SAH C . 11.44 25.69 -13.26
C2 SAH C . 10.10 25.94 -13.06
N3 SAH C . 9.30 24.96 -12.56
C4 SAH C . 9.86 23.77 -12.25
C1 EDO D . -1.88 18.88 12.66
O1 EDO D . -3.17 18.31 12.50
C2 EDO D . -0.97 18.25 11.61
O2 EDO D . -0.60 16.96 12.11
C1 EDO E . 4.10 16.08 -4.95
O1 EDO E . 3.54 16.36 -3.67
C2 EDO E . 4.36 17.34 -5.78
O2 EDO E . 5.46 18.09 -5.23
C1 EDO F . -0.18 28.35 -25.37
O1 EDO F . -1.24 28.24 -24.41
C2 EDO F . 0.61 27.04 -25.38
O2 EDO F . 1.85 27.26 -26.07
C1 EDO G . 11.47 11.80 15.62
O1 EDO G . 10.56 10.75 15.98
C2 EDO G . 10.67 13.03 15.19
O2 EDO G . 9.51 12.61 14.45
C1 EDO H . 16.44 25.81 11.16
O1 EDO H . 17.62 25.21 10.63
C2 EDO H . 15.59 24.74 11.86
O2 EDO H . 15.53 23.60 10.99
C1 EDO I . 26.34 6.04 12.69
O1 EDO I . 27.17 5.57 11.62
C2 EDO I . 26.07 7.52 12.53
O2 EDO I . 27.25 8.27 12.85
C1 EDO J . -11.20 19.07 -15.75
O1 EDO J . -10.29 18.26 -16.49
C2 EDO J . -11.09 20.50 -16.25
O2 EDO J . -11.61 21.38 -15.25
S SO4 K . -10.65 19.14 -8.09
O1 SO4 K . -11.31 18.09 -8.88
O2 SO4 K . -9.29 18.65 -7.74
O3 SO4 K . -10.58 20.38 -8.86
O4 SO4 K . -11.44 19.33 -6.86
C1 EDO L . -1.30 35.28 -20.40
O1 EDO L . -0.47 36.10 -21.24
C2 EDO L . -1.91 36.13 -19.29
O2 EDO L . -2.81 37.10 -19.82
N SAH M . -6.39 -23.65 6.97
CA SAH M . -6.58 -22.41 7.76
CB SAH M . -5.23 -21.77 8.06
CG SAH M . -4.22 -21.60 6.92
SD SAH M . -2.70 -20.75 7.45
C SAH M . -7.52 -21.43 7.06
O SAH M . -8.13 -21.77 6.03
OXT SAH M . -7.76 -20.30 7.52
C5' SAH M . -1.70 -22.26 7.37
C4' SAH M . -1.84 -23.18 8.60
O4' SAH M . -1.05 -24.34 8.36
C3' SAH M . -1.33 -22.60 9.92
O3' SAH M . -2.25 -22.93 10.96
C2' SAH M . 0.00 -23.27 10.12
O2' SAH M . 0.45 -23.42 11.44
C1' SAH M . -0.27 -24.62 9.49
N9 SAH M . 0.92 -25.40 9.14
C8 SAH M . 2.06 -25.04 8.48
N7 SAH M . 2.88 -26.10 8.38
C5 SAH M . 2.28 -27.15 8.99
C6 SAH M . 2.67 -28.48 9.16
N6 SAH M . 3.84 -28.92 8.73
N1 SAH M . 1.81 -29.32 9.84
C2 SAH M . 0.60 -28.87 10.30
N3 SAH M . 0.19 -27.56 10.12
C4 SAH M . 1.04 -26.73 9.45
C1 EDO N . -10.26 -48.03 -3.64
O1 EDO N . -11.36 -48.41 -2.83
C2 EDO N . -10.59 -46.79 -4.45
O2 EDO N . -11.08 -45.74 -3.58
C1 EDO O . -18.66 -19.38 -8.91
O1 EDO O . -19.03 -20.77 -8.88
C2 EDO O . -17.64 -19.13 -10.02
O2 EDO O . -16.46 -19.92 -9.81
C1 EDO P . 8.25 -1.84 -6.18
O1 EDO P . 7.24 -1.31 -5.31
C2 EDO P . 8.07 -1.33 -7.61
O2 EDO P . 9.21 -1.72 -8.40
S SO4 Q . -13.68 -11.94 14.25
O1 SO4 Q . -12.79 -12.43 13.16
O2 SO4 Q . -13.40 -12.67 15.47
O3 SO4 Q . -13.37 -10.53 14.46
O4 SO4 Q . -15.09 -12.06 13.95
#